data_5K25
#
_entry.id   5K25
#
_cell.length_a   52.152
_cell.length_b   124.401
_cell.length_c   164.305
_cell.angle_alpha   90.00
_cell.angle_beta   90.00
_cell.angle_gamma   90.00
#
_symmetry.space_group_name_H-M   'I 2 2 2'
#
loop_
_entity.id
_entity.type
_entity.pdbx_description
1 polymer 'Protein tyrosine phosphatase type IVA 2'
2 polymer 'Metal transporter CNNM3'
3 non-polymer "ADENOSINE-5'-DIPHOSPHATE"
4 water water
#
loop_
_entity_poly.entity_id
_entity_poly.type
_entity_poly.pdbx_seq_one_letter_code
_entity_poly.pdbx_strand_id
1 'polypeptide(L)'
;MSYYHHHHHHLESTSLYKKAGFAMNRPAPVEISYENMRFLITHNPTNATLNKFTEELKKYGVTTLVRVCDATYDKAPVEK
EGIHVLDWPFDDGAPPPNQIVDDWLNLLKTKFREEPGCCVAVHCVAGLGRAPVLVALALIECGMKYEDAVQFIRQKRRGA
FNSKQLLYLEKYRPKMRLRFRDTNGHCCVQ
;
A
2 'polypeptide(L)'
;QGPLNMIQGVLELRCRTVEDVLTPLEDCFMLDASTVLDFGVLASIMQSGHTRIPVYEEERSNIVDMLYLKDLAFVDPEDC
TPLSTITRFYNHPLHFVFNDTKLDAVLEEFKRGKSHLAIVQKVNNEGEGDPFYEVLGLVTLEDVIEEIIRSEILDE
;
C
#
loop_
_chem_comp.id
_chem_comp.type
_chem_comp.name
_chem_comp.formula
ADP non-polymer ADENOSINE-5'-DIPHOSPHATE 'C10 H15 N5 O10 P2'
#
# COMPACT_ATOMS: atom_id res chain seq x y z
N PHE A 22 2.03 -14.57 -5.54
CA PHE A 22 0.70 -13.89 -5.69
C PHE A 22 -0.05 -13.81 -4.36
N ALA A 23 -1.02 -12.90 -4.29
CA ALA A 23 -2.00 -12.79 -3.20
C ALA A 23 -1.46 -12.19 -1.88
N MET A 24 -0.14 -11.96 -1.82
CA MET A 24 0.47 -11.13 -0.77
C MET A 24 1.39 -10.06 -1.36
N ASN A 25 1.39 -8.87 -0.74
CA ASN A 25 2.05 -7.69 -1.30
C ASN A 25 2.57 -6.66 -0.27
N ARG A 26 3.09 -5.55 -0.76
CA ARG A 26 4.01 -4.69 -0.01
C ARG A 26 3.56 -3.22 -0.08
N PRO A 27 3.90 -2.40 0.94
CA PRO A 27 3.72 -0.94 0.82
C PRO A 27 4.72 -0.25 -0.14
N ALA A 28 4.34 -0.17 -1.42
CA ALA A 28 5.29 -0.30 -2.54
C ALA A 28 4.75 0.36 -3.81
N PRO A 29 5.65 1.02 -4.58
CA PRO A 29 5.29 1.68 -5.85
C PRO A 29 4.75 0.73 -6.91
N VAL A 30 4.00 1.29 -7.87
CA VAL A 30 3.40 0.52 -8.96
C VAL A 30 3.68 1.19 -10.29
N GLU A 31 3.96 0.39 -11.32
CA GLU A 31 4.32 0.90 -12.64
C GLU A 31 3.28 0.54 -13.70
N ILE A 32 2.94 1.52 -14.54
CA ILE A 32 2.12 1.27 -15.73
C ILE A 32 2.85 1.77 -16.98
N SER A 33 3.08 0.86 -17.92
CA SER A 33 3.77 1.18 -19.18
C SER A 33 2.84 1.00 -20.38
N TYR A 34 3.07 1.80 -21.42
CA TYR A 34 2.17 1.90 -22.57
C TYR A 34 2.76 2.86 -23.62
N GLU A 35 2.93 2.37 -24.84
CA GLU A 35 3.87 2.94 -25.82
C GLU A 35 5.25 3.22 -25.23
N ASN A 36 5.62 4.50 -25.16
CA ASN A 36 6.79 4.94 -24.40
C ASN A 36 6.45 5.88 -23.24
N MET A 37 5.16 6.10 -23.01
CA MET A 37 4.65 6.54 -21.71
C MET A 37 5.01 5.57 -20.59
N ARG A 38 5.34 6.11 -19.43
CA ARG A 38 5.59 5.32 -18.24
C ARG A 38 5.20 6.09 -16.99
N PHE A 39 4.52 5.41 -16.07
CA PHE A 39 3.90 6.05 -14.92
C PHE A 39 4.26 5.31 -13.64
N LEU A 40 4.42 6.06 -12.55
CA LEU A 40 4.56 5.50 -11.23
C LEU A 40 3.48 6.04 -10.29
N ILE A 41 2.76 5.13 -9.64
CA ILE A 41 1.93 5.48 -8.49
C ILE A 41 2.62 5.10 -7.18
N THR A 42 2.63 6.02 -6.22
CA THR A 42 3.50 5.92 -5.06
C THR A 42 2.75 6.16 -3.75
N HIS A 43 3.27 5.55 -2.68
CA HIS A 43 2.99 5.94 -1.30
C HIS A 43 3.38 7.39 -0.97
N ASN A 44 2.80 7.92 0.09
CA ASN A 44 3.39 9.05 0.82
C ASN A 44 4.65 8.66 1.62
N PRO A 45 5.68 9.53 1.58
CA PRO A 45 6.72 9.61 2.61
C PRO A 45 6.45 10.67 3.70
N THR A 46 7.11 10.52 4.85
CA THR A 46 7.59 11.66 5.63
C THR A 46 8.95 12.16 5.16
N ASN A 47 9.33 13.35 5.63
CA ASN A 47 10.73 13.77 5.81
C ASN A 47 11.65 12.70 6.41
N ALA A 48 11.10 11.89 7.30
CA ALA A 48 11.84 10.82 7.98
C ALA A 48 12.49 9.84 7.00
N THR A 49 11.75 9.44 5.97
CA THR A 49 12.30 8.64 4.88
C THR A 49 12.19 9.37 3.53
N LEU A 50 12.50 10.66 3.54
CA LEU A 50 12.50 11.48 2.32
C LEU A 50 13.65 11.10 1.39
N ASN A 51 14.85 10.92 1.95
CA ASN A 51 16.06 10.68 1.19
C ASN A 51 16.08 9.29 0.54
N LYS A 52 15.46 8.32 1.21
CA LYS A 52 15.23 6.98 0.66
C LYS A 52 14.17 6.99 -0.45
N PHE A 53 13.16 7.85 -0.28
CA PHE A 53 12.02 7.94 -1.20
C PHE A 53 12.43 8.42 -2.60
N THR A 54 13.30 9.43 -2.65
CA THR A 54 13.81 9.97 -3.91
C THR A 54 14.66 8.95 -4.65
N GLU A 55 15.30 8.06 -3.90
CA GLU A 55 16.18 7.04 -4.45
C GLU A 55 15.41 5.91 -5.15
N GLU A 56 14.21 5.60 -4.63
CA GLU A 56 13.21 4.82 -5.36
C GLU A 56 12.88 5.44 -6.72
N LEU A 57 12.74 6.76 -6.74
CA LEU A 57 12.17 7.46 -7.89
C LEU A 57 13.20 7.58 -9.02
N LYS A 58 14.42 7.96 -8.65
CA LYS A 58 15.58 7.87 -9.53
C LYS A 58 15.75 6.47 -10.14
N LYS A 59 15.45 5.44 -9.35
CA LYS A 59 15.56 4.05 -9.79
C LYS A 59 14.57 3.68 -10.88
N TYR A 60 13.39 4.32 -10.88
CA TYR A 60 12.42 4.16 -11.95
C TYR A 60 12.61 5.17 -13.07
N GLY A 61 13.50 6.14 -12.84
CA GLY A 61 13.81 7.18 -13.82
C GLY A 61 12.64 8.11 -14.07
N VAL A 62 12.04 8.59 -12.99
CA VAL A 62 11.04 9.65 -13.07
C VAL A 62 11.70 11.03 -13.18
N THR A 63 11.16 11.86 -14.07
CA THR A 63 11.57 13.26 -14.16
C THR A 63 10.61 14.19 -13.43
N THR A 64 9.44 13.65 -13.09
CA THR A 64 8.26 14.47 -12.80
C THR A 64 7.42 13.80 -11.71
N LEU A 65 7.15 14.55 -10.66
CA LEU A 65 6.16 14.16 -9.66
C LEU A 65 4.96 15.10 -9.69
N VAL A 66 3.77 14.51 -9.80
CA VAL A 66 2.52 15.24 -9.55
C VAL A 66 1.88 14.80 -8.24
N ARG A 67 2.02 15.64 -7.21
CA ARG A 67 1.19 15.54 -6.00
C ARG A 67 -0.25 15.97 -6.25
N VAL A 68 -1.16 15.00 -6.22
CA VAL A 68 -2.60 15.26 -6.42
C VAL A 68 -3.39 15.28 -5.12
N CYS A 69 -2.75 14.85 -4.03
CA CYS A 69 -3.27 15.04 -2.69
C CYS A 69 -2.27 15.79 -1.84
N ASP A 70 -2.76 16.67 -0.98
CA ASP A 70 -1.94 17.38 -0.01
C ASP A 70 -1.02 16.43 0.76
N ALA A 71 0.26 16.80 0.81
CA ALA A 71 1.21 16.16 1.72
C ALA A 71 2.00 17.21 2.49
N THR A 72 2.38 16.88 3.72
CA THR A 72 3.49 17.58 4.38
C THR A 72 4.78 16.74 4.30
N TYR A 73 5.50 16.94 3.20
CA TYR A 73 6.96 17.00 3.24
C TYR A 73 7.50 18.15 2.40
N ASP A 74 8.71 18.60 2.75
CA ASP A 74 9.52 19.44 1.87
C ASP A 74 9.82 18.75 0.53
N LYS A 75 9.50 19.45 -0.55
CA LYS A 75 9.71 18.93 -1.90
C LYS A 75 11.12 19.19 -2.42
N ALA A 76 11.84 20.08 -1.75
CA ALA A 76 13.04 20.69 -2.31
C ALA A 76 14.29 19.78 -2.27
N PRO A 77 14.34 18.78 -1.35
CA PRO A 77 15.25 17.64 -1.53
C PRO A 77 15.02 16.85 -2.83
N VAL A 78 13.77 16.61 -3.17
CA VAL A 78 13.41 15.93 -4.42
C VAL A 78 13.76 16.79 -5.64
N GLU A 79 13.44 18.09 -5.55
CA GLU A 79 13.70 19.03 -6.63
C GLU A 79 15.19 19.31 -6.83
N LYS A 80 15.95 19.29 -5.73
CA LYS A 80 17.41 19.39 -5.77
C LYS A 80 18.05 18.26 -6.56
N GLU A 81 17.54 17.04 -6.37
CA GLU A 81 17.97 15.89 -7.15
C GLU A 81 17.27 15.79 -8.51
N GLY A 82 16.58 16.87 -8.90
CA GLY A 82 16.38 17.22 -10.30
C GLY A 82 15.08 16.66 -10.87
N ILE A 83 14.11 16.41 -10.00
CA ILE A 83 12.77 16.01 -10.42
C ILE A 83 11.80 17.19 -10.30
N HIS A 84 11.11 17.48 -11.40
CA HIS A 84 10.06 18.49 -11.44
C HIS A 84 8.86 18.08 -10.59
N VAL A 85 8.56 18.89 -9.57
CA VAL A 85 7.52 18.56 -8.60
C VAL A 85 6.34 19.54 -8.71
N LEU A 86 5.14 18.98 -8.79
CA LEU A 86 3.96 19.74 -9.21
C LEU A 86 2.80 19.50 -8.25
N ASP A 87 2.36 20.57 -7.61
CA ASP A 87 1.35 20.49 -6.56
C ASP A 87 -0.03 20.79 -7.13
N TRP A 88 -0.75 19.72 -7.50
CA TRP A 88 -2.04 19.86 -8.17
C TRP A 88 -3.16 19.16 -7.40
N PRO A 89 -3.52 19.68 -6.21
CA PRO A 89 -4.47 18.97 -5.36
C PRO A 89 -5.92 19.20 -5.82
N PHE A 90 -6.72 18.15 -5.75
CA PHE A 90 -8.16 18.28 -5.95
C PHE A 90 -8.97 17.33 -5.07
N ASP A 91 -10.28 17.51 -5.05
CA ASP A 91 -11.12 17.08 -3.93
C ASP A 91 -11.11 15.57 -3.78
N ASP A 92 -11.22 15.10 -2.54
CA ASP A 92 -11.17 13.67 -2.22
C ASP A 92 -12.28 12.89 -2.94
N GLY A 93 -11.87 11.99 -3.83
CA GLY A 93 -12.79 11.08 -4.51
C GLY A 93 -13.55 11.70 -5.66
N ALA A 94 -13.16 12.93 -6.02
CA ALA A 94 -13.73 13.63 -7.17
C ALA A 94 -12.98 13.30 -8.46
N PRO A 95 -13.64 13.47 -9.63
CA PRO A 95 -12.94 13.77 -10.89
C PRO A 95 -12.00 14.97 -10.78
N PRO A 96 -10.89 14.95 -11.54
CA PRO A 96 -10.09 16.17 -11.75
C PRO A 96 -10.88 17.27 -12.45
N PRO A 97 -10.80 18.52 -11.93
CA PRO A 97 -11.28 19.70 -12.66
C PRO A 97 -10.52 19.94 -13.96
N ASN A 98 -11.15 20.68 -14.87
CA ASN A 98 -10.80 20.63 -16.30
C ASN A 98 -9.45 21.28 -16.60
N GLN A 99 -9.13 22.32 -15.83
CA GLN A 99 -7.78 22.85 -15.74
C GLN A 99 -6.75 21.74 -15.53
N ILE A 100 -6.95 20.94 -14.49
CA ILE A 100 -5.96 19.95 -14.07
C ILE A 100 -5.69 18.92 -15.17
N VAL A 101 -6.76 18.44 -15.82
CA VAL A 101 -6.61 17.52 -16.95
C VAL A 101 -5.85 18.16 -18.11
N ASP A 102 -6.12 19.43 -18.39
CA ASP A 102 -5.50 20.16 -19.49
C ASP A 102 -4.02 20.37 -19.23
N ASP A 103 -3.71 20.93 -18.05
CA ASP A 103 -2.37 20.93 -17.48
C ASP A 103 -1.66 19.59 -17.59
N TRP A 104 -2.33 18.52 -17.13
CA TRP A 104 -1.71 17.21 -16.98
C TRP A 104 -1.35 16.62 -18.33
N LEU A 105 -2.26 16.77 -19.29
CA LEU A 105 -2.01 16.36 -20.67
C LEU A 105 -0.89 17.17 -21.33
N ASN A 106 -0.91 18.49 -21.12
CA ASN A 106 0.16 19.37 -21.62
C ASN A 106 1.52 19.07 -21.02
N LEU A 107 1.53 18.74 -19.73
CA LEU A 107 2.72 18.28 -19.03
C LEU A 107 3.30 17.01 -19.65
N LEU A 108 2.42 16.08 -20.01
CA LEU A 108 2.85 14.78 -20.52
C LEU A 108 3.47 14.90 -21.90
N LYS A 109 2.83 15.69 -22.77
CA LYS A 109 3.41 16.11 -24.04
C LYS A 109 4.86 16.58 -23.87
N THR A 110 5.06 17.59 -23.02
CA THR A 110 6.34 18.30 -22.94
C THR A 110 7.43 17.43 -22.34
N LYS A 111 7.03 16.50 -21.47
CA LYS A 111 7.98 15.76 -20.64
C LYS A 111 8.38 14.43 -21.29
N PHE A 112 7.49 13.87 -22.10
CA PHE A 112 7.85 12.80 -23.03
C PHE A 112 8.46 13.32 -24.34
N ARG A 113 8.25 14.61 -24.63
CA ARG A 113 9.05 15.31 -25.62
C ARG A 113 10.50 15.49 -25.18
N GLU A 114 10.68 15.83 -23.90
CA GLU A 114 12.01 16.06 -23.32
C GLU A 114 12.84 14.78 -23.28
N GLU A 115 12.20 13.67 -22.92
CA GLU A 115 12.84 12.36 -22.88
C GLU A 115 11.78 11.28 -23.08
N PRO A 116 11.72 10.69 -24.29
CA PRO A 116 10.99 9.44 -24.50
C PRO A 116 11.49 8.32 -23.59
N GLY A 117 10.55 7.56 -23.02
CA GLY A 117 10.87 6.46 -22.11
C GLY A 117 11.34 6.89 -20.74
N CYS A 118 11.10 8.15 -20.38
CA CYS A 118 11.09 8.58 -18.99
C CYS A 118 9.81 8.18 -18.27
N CYS A 119 9.82 8.28 -16.96
CA CYS A 119 8.64 8.03 -16.13
C CYS A 119 8.10 9.32 -15.52
N VAL A 120 6.78 9.41 -15.41
CA VAL A 120 6.12 10.45 -14.61
C VAL A 120 5.45 9.83 -13.38
N ALA A 121 5.92 10.23 -12.20
CA ALA A 121 5.27 9.86 -10.95
C ALA A 121 4.02 10.71 -10.68
N VAL A 122 2.93 10.03 -10.35
CA VAL A 122 1.83 10.63 -9.58
C VAL A 122 1.75 9.96 -8.21
N HIS A 123 1.51 10.73 -7.16
CA HIS A 123 1.24 10.14 -5.85
C HIS A 123 0.16 10.88 -5.02
N CYS A 124 -0.60 10.08 -4.28
CA CYS A 124 -1.52 10.58 -3.26
C CYS A 124 -1.15 10.02 -1.88
N VAL A 125 -2.05 10.18 -0.91
CA VAL A 125 -1.96 9.49 0.38
C VAL A 125 -2.86 8.23 0.47
N ALA A 126 -3.80 8.11 -0.46
CA ALA A 126 -4.31 6.81 -0.87
C ALA A 126 -4.03 6.54 -2.34
N GLY A 127 -3.27 5.48 -2.61
CA GLY A 127 -2.84 5.13 -3.97
C GLY A 127 -3.97 4.64 -4.86
N LEU A 128 -5.04 4.14 -4.25
CA LEU A 128 -6.35 4.03 -4.90
C LEU A 128 -7.07 5.37 -4.89
N GLY A 129 -7.70 5.71 -6.01
CA GLY A 129 -8.50 6.91 -6.10
C GLY A 129 -8.05 7.84 -7.22
N ARG A 130 -7.60 9.03 -6.85
CA ARG A 130 -7.54 10.13 -7.81
C ARG A 130 -6.19 10.23 -8.53
N ALA A 131 -5.14 9.66 -7.92
CA ALA A 131 -3.87 9.47 -8.62
C ALA A 131 -3.98 8.56 -9.86
N PRO A 132 -4.60 7.36 -9.72
CA PRO A 132 -4.75 6.51 -10.91
C PRO A 132 -5.78 6.99 -11.94
N VAL A 133 -6.72 7.84 -11.52
CA VAL A 133 -7.64 8.51 -12.46
C VAL A 133 -6.86 9.21 -13.58
N LEU A 134 -5.86 9.99 -13.18
CA LEU A 134 -5.05 10.76 -14.11
C LEU A 134 -4.28 9.87 -15.07
N VAL A 135 -3.81 8.73 -14.57
CA VAL A 135 -3.15 7.71 -15.39
C VAL A 135 -4.12 7.07 -16.38
N ALA A 136 -5.34 6.81 -15.93
CA ALA A 136 -6.39 6.27 -16.80
C ALA A 136 -6.87 7.27 -17.85
N LEU A 137 -6.90 8.55 -17.47
CA LEU A 137 -7.11 9.66 -18.41
C LEU A 137 -6.05 9.68 -19.51
N ALA A 138 -4.80 9.45 -19.13
CA ALA A 138 -3.68 9.40 -20.06
C ALA A 138 -3.78 8.21 -21.01
N LEU A 139 -4.14 7.05 -20.47
CA LEU A 139 -4.22 5.81 -21.24
C LEU A 139 -5.34 5.85 -22.27
N ILE A 140 -6.46 6.49 -21.90
CA ILE A 140 -7.63 6.63 -22.77
C ILE A 140 -7.32 7.53 -23.96
N GLU A 141 -6.68 8.66 -23.70
CA GLU A 141 -6.23 9.56 -24.76
C GLU A 141 -4.87 9.13 -25.33
N CYS A 142 -4.59 7.83 -25.29
CA CYS A 142 -3.42 7.25 -25.95
C CYS A 142 -3.75 5.99 -26.75
N GLY A 143 -5.03 5.64 -26.81
CA GLY A 143 -5.46 4.34 -27.33
C GLY A 143 -6.63 3.77 -26.56
N MET A 144 -6.32 3.02 -25.51
CA MET A 144 -7.08 1.81 -25.17
C MET A 144 -8.48 2.14 -24.65
N LYS A 145 -9.40 1.19 -24.79
CA LYS A 145 -10.81 1.40 -24.47
C LYS A 145 -10.99 1.67 -22.98
N TYR A 146 -12.05 2.41 -22.64
CA TYR A 146 -12.37 2.72 -21.24
C TYR A 146 -12.49 1.45 -20.39
N GLU A 147 -13.26 0.49 -20.90
CA GLU A 147 -13.34 -0.86 -20.32
C GLU A 147 -11.96 -1.48 -20.11
N ASP A 148 -11.10 -1.40 -21.12
CA ASP A 148 -9.75 -1.97 -21.07
C ASP A 148 -8.84 -1.22 -20.09
N ALA A 149 -9.05 0.10 -20.00
CA ALA A 149 -8.11 0.98 -19.32
C ALA A 149 -8.16 0.78 -17.81
N VAL A 150 -9.38 0.75 -17.26
CA VAL A 150 -9.63 0.41 -15.87
C VAL A 150 -9.00 -0.94 -15.47
N GLN A 151 -9.15 -1.92 -16.35
CA GLN A 151 -8.72 -3.30 -16.08
C GLN A 151 -7.21 -3.39 -15.83
N PHE A 152 -6.45 -2.64 -16.62
CA PHE A 152 -4.99 -2.59 -16.47
C PHE A 152 -4.57 -1.95 -15.14
N ILE A 153 -5.35 -0.96 -14.69
CA ILE A 153 -5.11 -0.31 -13.40
C ILE A 153 -5.42 -1.26 -12.23
N ARG A 154 -6.57 -1.92 -12.29
CA ARG A 154 -7.10 -2.67 -11.14
C ARG A 154 -6.36 -3.99 -10.94
N GLN A 155 -5.91 -4.57 -12.03
CA GLN A 155 -4.92 -5.65 -12.01
C GLN A 155 -3.67 -5.30 -11.20
N LYS A 156 -3.29 -4.02 -11.21
CA LYS A 156 -2.05 -3.58 -10.57
C LYS A 156 -2.29 -3.07 -9.15
N ARG A 157 -3.45 -2.43 -8.94
CA ARG A 157 -3.88 -2.00 -7.61
C ARG A 157 -5.38 -2.22 -7.44
N ARG A 158 -5.74 -3.19 -6.61
CA ARG A 158 -7.11 -3.72 -6.60
C ARG A 158 -8.11 -2.66 -6.14
N GLY A 159 -9.21 -2.54 -6.87
CA GLY A 159 -10.40 -1.84 -6.38
C GLY A 159 -10.30 -0.33 -6.51
N ALA A 160 -9.93 0.12 -7.71
CA ALA A 160 -8.98 1.23 -7.86
C ALA A 160 -9.68 2.58 -7.82
N PHE A 161 -10.83 2.68 -8.50
CA PHE A 161 -11.63 3.90 -8.49
C PHE A 161 -12.93 3.69 -7.73
N ASN A 162 -13.51 4.79 -7.24
CA ASN A 162 -14.92 4.78 -6.86
C ASN A 162 -15.85 5.09 -8.03
N SER A 163 -17.15 5.11 -7.77
CA SER A 163 -18.17 5.05 -8.84
C SER A 163 -18.25 6.38 -9.60
N LYS A 164 -18.10 7.48 -8.87
CA LYS A 164 -18.00 8.82 -9.47
C LYS A 164 -16.86 8.94 -10.49
N GLN A 165 -15.71 8.38 -10.13
CA GLN A 165 -14.53 8.36 -11.01
C GLN A 165 -14.76 7.46 -12.23
N LEU A 166 -15.35 6.29 -12.01
CA LEU A 166 -15.73 5.38 -13.09
C LEU A 166 -16.77 5.99 -14.04
N LEU A 167 -17.73 6.72 -13.48
CA LEU A 167 -18.64 7.57 -14.26
C LEU A 167 -17.88 8.51 -15.19
N TYR A 168 -16.97 9.29 -14.61
CA TYR A 168 -16.19 10.29 -15.33
C TYR A 168 -15.30 9.65 -16.39
N LEU A 169 -14.72 8.49 -16.05
CA LEU A 169 -13.83 7.78 -16.96
C LEU A 169 -14.59 7.18 -18.15
N GLU A 170 -15.84 6.78 -17.91
CA GLU A 170 -16.75 6.37 -18.99
C GLU A 170 -17.16 7.54 -19.88
N LYS A 171 -17.67 8.61 -19.26
CA LYS A 171 -18.20 9.77 -19.99
C LYS A 171 -17.09 10.58 -20.67
N TYR A 172 -15.85 10.12 -20.56
CA TYR A 172 -14.69 10.84 -21.08
C TYR A 172 -14.42 10.54 -22.55
N ARG A 173 -14.06 11.58 -23.30
CA ARG A 173 -13.80 11.48 -24.74
C ARG A 173 -12.36 11.92 -25.05
N PRO A 174 -11.57 11.03 -25.67
CA PRO A 174 -10.37 11.45 -26.41
C PRO A 174 -10.66 12.56 -27.42
N LYS A 175 -9.68 13.44 -27.64
CA LYS A 175 -9.54 14.11 -28.92
C LYS A 175 -8.98 13.15 -29.99
N MET A 176 -7.65 13.02 -30.07
CA MET A 176 -6.91 12.14 -29.18
C MET A 176 -5.49 12.68 -29.02
N ARG A 177 -5.25 13.38 -27.91
CA ARG A 177 -4.31 14.49 -27.89
C ARG A 177 -3.04 14.11 -27.11
N LEU A 178 -2.58 12.88 -27.30
CA LEU A 178 -1.15 12.55 -27.24
C LEU A 178 -0.71 11.75 -28.46
N GLN B 1 -16.30 -37.33 14.89
CA GLN B 1 -14.94 -37.19 15.51
C GLN B 1 -13.84 -37.13 14.46
N GLY B 2 -12.87 -36.25 14.68
CA GLY B 2 -11.49 -36.67 14.95
C GLY B 2 -10.56 -36.36 13.78
N PRO B 3 -9.95 -37.41 13.19
CA PRO B 3 -9.24 -37.27 11.91
C PRO B 3 -10.21 -37.02 10.75
N LEU B 4 -11.40 -37.61 10.83
CA LEU B 4 -12.44 -37.39 9.85
C LEU B 4 -12.88 -35.92 9.82
N ASN B 5 -13.00 -35.33 11.01
CA ASN B 5 -13.27 -33.90 11.14
C ASN B 5 -12.16 -33.03 10.57
N MET B 6 -10.92 -33.47 10.74
CA MET B 6 -9.76 -32.76 10.19
C MET B 6 -9.73 -32.77 8.67
N ILE B 7 -10.13 -33.89 8.06
CA ILE B 7 -10.08 -34.06 6.60
C ILE B 7 -11.06 -33.13 5.90
N GLN B 8 -12.26 -32.99 6.48
CA GLN B 8 -13.18 -31.92 6.10
C GLN B 8 -12.57 -30.53 6.25
N GLY B 9 -11.74 -30.34 7.29
CA GLY B 9 -10.99 -29.11 7.50
C GLY B 9 -10.11 -28.72 6.31
N VAL B 10 -9.29 -29.66 5.83
CA VAL B 10 -8.43 -29.40 4.67
C VAL B 10 -9.24 -29.25 3.39
N LEU B 11 -10.37 -29.96 3.30
CA LEU B 11 -11.27 -29.84 2.17
C LEU B 11 -11.96 -28.48 2.09
N GLU B 12 -12.14 -27.85 3.25
CA GLU B 12 -12.84 -26.57 3.33
C GLU B 12 -11.89 -25.37 3.27
N LEU B 13 -10.59 -25.65 3.16
CA LEU B 13 -9.58 -24.61 2.97
C LEU B 13 -9.80 -23.82 1.68
N ARG B 14 -10.25 -24.51 0.64
CA ARG B 14 -10.61 -23.87 -0.63
C ARG B 14 -11.87 -23.01 -0.53
N CYS B 15 -12.77 -23.37 0.39
CA CYS B 15 -13.96 -22.57 0.65
C CYS B 15 -13.63 -21.33 1.48
N ARG B 16 -12.97 -21.53 2.60
CA ARG B 16 -12.93 -20.54 3.69
C ARG B 16 -11.91 -19.45 3.39
N THR B 17 -12.18 -18.24 3.88
CA THR B 17 -11.36 -17.07 3.57
C THR B 17 -10.72 -16.50 4.84
N VAL B 18 -9.73 -15.63 4.65
CA VAL B 18 -8.97 -15.02 5.75
C VAL B 18 -9.88 -14.32 6.75
N GLU B 19 -10.90 -13.62 6.23
CA GLU B 19 -11.97 -13.05 7.05
C GLU B 19 -12.44 -13.94 8.19
N ASP B 20 -12.48 -15.26 7.95
CA ASP B 20 -13.07 -16.21 8.89
C ASP B 20 -12.14 -16.55 10.06
N VAL B 21 -10.85 -16.29 9.88
CA VAL B 21 -9.80 -16.94 10.67
C VAL B 21 -8.92 -15.92 11.41
N LEU B 22 -9.04 -14.66 11.00
CA LEU B 22 -8.11 -13.60 11.40
C LEU B 22 -8.21 -13.28 12.90
N THR B 23 -7.17 -12.65 13.44
CA THR B 23 -7.28 -11.88 14.68
C THR B 23 -7.55 -10.40 14.40
N PRO B 24 -8.76 -9.92 14.74
CA PRO B 24 -9.15 -8.54 14.45
C PRO B 24 -8.37 -7.54 15.31
N LEU B 25 -8.22 -6.32 14.80
CA LEU B 25 -7.26 -5.35 15.33
C LEU B 25 -7.34 -5.19 16.84
N GLU B 26 -8.56 -5.20 17.37
CA GLU B 26 -8.84 -4.89 18.78
C GLU B 26 -8.26 -5.94 19.72
N ASP B 27 -7.90 -7.09 19.18
CA ASP B 27 -7.28 -8.17 19.95
C ASP B 27 -5.81 -8.38 19.59
N CYS B 28 -5.24 -7.46 18.82
CA CYS B 28 -3.82 -7.52 18.47
C CYS B 28 -2.96 -6.78 19.49
N PHE B 29 -1.91 -7.45 19.95
CA PHE B 29 -0.78 -6.79 20.60
C PHE B 29 0.05 -6.00 19.60
N MET B 30 0.01 -4.68 19.75
CA MET B 30 0.80 -3.76 18.91
C MET B 30 1.32 -2.61 19.75
N LEU B 31 2.37 -1.95 19.26
CA LEU B 31 2.91 -0.77 19.94
C LEU B 31 2.84 0.48 19.08
N ASP B 32 2.54 1.61 19.71
CA ASP B 32 2.79 2.94 19.15
C ASP B 32 4.26 3.13 18.78
N ALA B 33 4.50 3.81 17.65
CA ALA B 33 5.85 4.10 17.18
C ALA B 33 6.65 4.94 18.16
N SER B 34 5.95 5.81 18.88
CA SER B 34 6.58 6.74 19.80
C SER B 34 6.84 6.15 21.19
N THR B 35 6.37 4.92 21.41
CA THR B 35 6.63 4.18 22.66
C THR B 35 8.11 4.16 23.01
N VAL B 36 8.42 4.36 24.28
CA VAL B 36 9.76 4.14 24.80
C VAL B 36 9.87 2.72 25.38
N LEU B 37 11.05 2.12 25.27
CA LEU B 37 11.26 0.75 25.75
C LEU B 37 11.86 0.71 27.16
N ASP B 38 11.11 1.24 28.13
CA ASP B 38 11.44 1.08 29.55
C ASP B 38 11.11 -0.32 30.07
N PHE B 39 11.42 -0.55 31.35
CA PHE B 39 11.28 -1.86 31.99
C PHE B 39 9.90 -2.47 31.79
N GLY B 40 8.87 -1.62 31.85
CA GLY B 40 7.49 -2.08 31.92
C GLY B 40 6.93 -2.51 30.58
N VAL B 41 7.16 -1.68 29.55
CA VAL B 41 6.74 -2.01 28.19
C VAL B 41 7.51 -3.20 27.63
N LEU B 42 8.80 -3.28 27.94
CA LEU B 42 9.61 -4.47 27.67
C LEU B 42 9.07 -5.74 28.35
N ALA B 43 8.71 -5.61 29.62
CA ALA B 43 7.97 -6.66 30.33
C ALA B 43 6.66 -7.00 29.63
N SER B 44 5.94 -5.98 29.19
CA SER B 44 4.64 -6.17 28.55
C SER B 44 4.77 -6.92 27.23
N ILE B 45 5.83 -6.61 26.47
CA ILE B 45 6.21 -7.35 25.26
C ILE B 45 6.46 -8.83 25.58
N MET B 46 7.26 -9.08 26.61
CA MET B 46 7.74 -10.42 26.88
C MET B 46 6.68 -11.25 27.60
N GLN B 47 5.70 -10.56 28.15
CA GLN B 47 4.48 -11.19 28.65
C GLN B 47 3.57 -11.64 27.51
N SER B 48 3.49 -10.84 26.45
CA SER B 48 2.45 -10.99 25.42
C SER B 48 2.58 -12.31 24.67
N GLY B 49 3.75 -12.93 24.74
CA GLY B 49 4.00 -14.23 24.14
C GLY B 49 3.96 -14.20 22.63
N HIS B 50 4.32 -13.05 22.05
CA HIS B 50 4.40 -12.89 20.61
C HIS B 50 5.79 -12.46 20.19
N THR B 51 6.22 -12.96 19.04
CA THR B 51 7.59 -12.78 18.56
C THR B 51 7.63 -11.67 17.51
N ARG B 52 6.52 -11.49 16.80
CA ARG B 52 6.38 -10.41 15.85
C ARG B 52 5.24 -9.49 16.26
N ILE B 53 5.57 -8.22 16.49
CA ILE B 53 4.63 -7.25 17.03
C ILE B 53 4.51 -6.05 16.06
N PRO B 54 3.29 -5.77 15.59
CA PRO B 54 3.07 -4.65 14.66
C PRO B 54 3.33 -3.30 15.33
N VAL B 55 3.75 -2.32 14.53
CA VAL B 55 4.01 -0.96 15.01
C VAL B 55 3.20 0.06 14.21
N TYR B 56 2.46 0.90 14.93
CA TYR B 56 1.59 1.90 14.31
C TYR B 56 1.94 3.31 14.73
N GLU B 57 1.68 4.28 13.85
CA GLU B 57 1.38 5.66 14.26
C GLU B 57 0.03 6.13 13.70
N GLU B 58 -0.54 7.17 14.31
CA GLU B 58 -0.95 7.15 15.71
C GLU B 58 -2.38 6.64 15.93
N GLU B 59 -3.11 6.38 14.85
CA GLU B 59 -4.25 5.48 14.88
C GLU B 59 -3.83 4.02 14.67
N ARG B 60 -4.49 3.12 15.40
CA ARG B 60 -4.10 1.71 15.48
C ARG B 60 -4.19 1.00 14.13
N SER B 61 -5.05 1.50 13.25
CA SER B 61 -5.26 0.91 11.93
C SER B 61 -4.14 1.26 10.93
N ASN B 62 -3.15 2.02 11.38
CA ASN B 62 -2.08 2.50 10.49
C ASN B 62 -0.73 1.82 10.78
N ILE B 63 -0.59 0.59 10.31
CA ILE B 63 0.58 -0.23 10.59
C ILE B 63 1.75 0.21 9.71
N VAL B 64 2.94 0.33 10.30
CA VAL B 64 4.03 1.10 9.72
C VAL B 64 5.31 0.26 9.65
N ASP B 65 5.66 -0.39 10.75
CA ASP B 65 6.75 -1.37 10.76
C ASP B 65 6.40 -2.59 11.62
N MET B 66 7.29 -3.59 11.59
CA MET B 66 7.23 -4.72 12.51
C MET B 66 8.39 -4.67 13.50
N LEU B 67 8.09 -4.96 14.76
CA LEU B 67 9.12 -5.29 15.74
C LEU B 67 9.23 -6.80 15.90
N TYR B 68 10.46 -7.29 15.77
CA TYR B 68 10.77 -8.69 16.09
C TYR B 68 11.34 -8.79 17.50
N LEU B 69 11.17 -9.96 18.11
CA LEU B 69 11.85 -10.30 19.37
C LEU B 69 13.37 -10.15 19.30
N LYS B 70 13.95 -10.59 18.19
CA LYS B 70 15.39 -10.52 17.97
C LYS B 70 15.92 -9.07 17.93
N ASP B 71 15.02 -8.13 17.64
CA ASP B 71 15.37 -6.71 17.57
C ASP B 71 15.73 -6.12 18.92
N LEU B 72 15.40 -6.84 19.98
CA LEU B 72 15.45 -6.31 21.34
C LEU B 72 16.78 -6.66 22.01
N ALA B 73 17.75 -7.09 21.22
CA ALA B 73 18.74 -8.07 21.67
C ALA B 73 19.66 -7.47 22.73
N PHE B 74 20.24 -6.32 22.42
CA PHE B 74 21.15 -5.67 23.36
C PHE B 74 20.65 -4.31 23.84
N VAL B 75 19.33 -4.14 23.85
CA VAL B 75 18.71 -2.94 24.42
C VAL B 75 18.73 -2.99 25.95
N ASP B 76 19.07 -1.85 26.55
CA ASP B 76 19.01 -1.68 28.00
C ASP B 76 17.71 -1.00 28.40
N PRO B 77 16.92 -1.62 29.30
CA PRO B 77 15.69 -1.01 29.78
C PRO B 77 15.99 0.23 30.60
N GLU B 78 15.19 1.29 30.40
CA GLU B 78 15.62 2.66 30.64
C GLU B 78 17.07 2.90 30.20
N ASP B 79 17.32 2.73 28.90
CA ASP B 79 18.18 3.65 28.14
C ASP B 79 17.42 4.89 27.65
N CYS B 80 16.24 5.13 28.20
CA CYS B 80 14.97 4.75 27.58
C CYS B 80 14.99 4.90 26.06
N THR B 81 15.47 3.87 25.37
CA THR B 81 15.43 3.81 23.91
C THR B 81 13.99 3.80 23.39
N PRO B 82 13.64 4.78 22.55
CA PRO B 82 12.30 4.77 21.92
C PRO B 82 12.18 3.71 20.83
N LEU B 83 10.94 3.33 20.51
CA LEU B 83 10.66 2.18 19.66
C LEU B 83 11.19 2.40 18.25
N SER B 84 10.93 3.58 17.71
CA SER B 84 11.11 3.85 16.29
C SER B 84 12.58 3.94 15.89
N THR B 85 13.45 4.15 16.88
CA THR B 85 14.89 3.88 16.72
C THR B 85 15.18 2.43 16.34
N ILE B 86 14.58 1.48 17.07
CA ILE B 86 14.83 0.07 16.86
C ILE B 86 14.20 -0.41 15.55
N THR B 87 12.99 0.08 15.24
CA THR B 87 12.35 -0.18 13.95
C THR B 87 13.13 0.42 12.78
N ARG B 88 13.98 1.40 13.09
CA ARG B 88 14.82 2.08 12.10
C ARG B 88 16.23 1.48 12.02
N PHE B 89 16.54 0.55 12.92
CA PHE B 89 17.72 -0.31 12.78
C PHE B 89 17.51 -1.38 11.70
N TYR B 90 16.25 -1.70 11.41
CA TYR B 90 15.91 -2.82 10.51
C TYR B 90 14.80 -2.46 9.53
N ASN B 91 15.03 -2.74 8.24
CA ASN B 91 14.02 -3.34 7.38
C ASN B 91 13.61 -4.74 7.84
N HIS B 92 12.53 -4.81 8.60
CA HIS B 92 11.62 -5.95 8.51
C HIS B 92 10.49 -5.69 7.53
N PRO B 93 10.27 -6.63 6.59
CA PRO B 93 9.20 -6.50 5.61
C PRO B 93 7.84 -6.67 6.26
N LEU B 94 6.86 -5.89 5.83
CA LEU B 94 5.48 -6.11 6.27
C LEU B 94 4.55 -6.49 5.13
N HIS B 95 3.90 -7.64 5.29
CA HIS B 95 3.13 -8.28 4.22
C HIS B 95 1.65 -8.05 4.43
N PHE B 96 0.95 -7.84 3.33
CA PHE B 96 -0.47 -7.52 3.37
C PHE B 96 -1.25 -8.56 2.56
N VAL B 97 -2.26 -9.16 3.17
CA VAL B 97 -3.16 -10.05 2.45
C VAL B 97 -4.57 -9.45 2.35
N PHE B 98 -5.25 -9.74 1.24
CA PHE B 98 -6.64 -9.34 1.08
C PHE B 98 -7.58 -10.26 1.86
N ASN B 99 -8.66 -9.67 2.37
CA ASN B 99 -9.67 -10.39 3.15
C ASN B 99 -10.45 -11.44 2.34
N ASP B 100 -10.43 -11.28 1.02
CA ASP B 100 -11.03 -12.24 0.08
C ASP B 100 -10.39 -13.61 0.12
N THR B 101 -9.11 -13.67 0.48
CA THR B 101 -8.20 -14.70 -0.03
C THR B 101 -8.51 -16.05 0.62
N LYS B 102 -8.66 -17.08 -0.22
CA LYS B 102 -8.94 -18.43 0.25
C LYS B 102 -7.75 -19.04 0.98
N LEU B 103 -8.03 -19.93 1.92
CA LEU B 103 -7.06 -20.34 2.93
C LEU B 103 -5.96 -21.20 2.34
N ASP B 104 -6.30 -21.96 1.30
CA ASP B 104 -5.37 -22.91 0.69
C ASP B 104 -4.23 -22.20 -0.02
N ALA B 105 -4.53 -21.06 -0.64
CA ALA B 105 -3.51 -20.14 -1.15
C ALA B 105 -2.63 -19.59 -0.02
N VAL B 106 -3.27 -19.07 1.02
CA VAL B 106 -2.59 -18.48 2.16
C VAL B 106 -1.61 -19.49 2.79
N LEU B 107 -2.08 -20.72 2.96
CA LEU B 107 -1.29 -21.80 3.54
C LEU B 107 -0.05 -22.11 2.70
N GLU B 108 -0.22 -22.11 1.38
CA GLU B 108 0.88 -22.41 0.47
C GLU B 108 1.93 -21.29 0.45
N GLU B 109 1.47 -20.05 0.58
CA GLU B 109 2.35 -18.89 0.63
C GLU B 109 3.13 -18.83 1.94
N PHE B 110 2.47 -19.19 3.04
CA PHE B 110 3.13 -19.38 4.33
C PHE B 110 4.13 -20.52 4.30
N LYS B 111 3.76 -21.61 3.62
CA LYS B 111 4.69 -22.71 3.34
C LYS B 111 5.94 -22.24 2.59
N ARG B 112 5.76 -21.31 1.65
CA ARG B 112 6.89 -20.71 0.93
C ARG B 112 7.72 -19.78 1.81
N GLY B 113 7.11 -18.71 2.31
CA GLY B 113 7.73 -17.38 2.29
C GLY B 113 8.38 -16.99 3.61
N LYS B 114 8.60 -15.68 3.80
CA LYS B 114 9.54 -15.17 4.80
C LYS B 114 8.92 -15.12 6.19
N SER B 115 7.86 -14.32 6.33
CA SER B 115 7.20 -14.16 7.62
C SER B 115 6.05 -15.15 7.76
N HIS B 116 5.80 -15.56 9.00
CA HIS B 116 4.56 -16.27 9.33
C HIS B 116 3.36 -15.34 9.48
N LEU B 117 3.58 -14.04 9.36
CA LEU B 117 2.54 -13.04 9.60
C LEU B 117 2.22 -12.21 8.36
N ALA B 118 0.94 -12.18 7.98
CA ALA B 118 0.39 -11.12 7.15
C ALA B 118 -0.61 -10.27 7.93
N ILE B 119 -0.80 -9.03 7.49
CA ILE B 119 -1.90 -8.20 7.97
C ILE B 119 -2.97 -8.01 6.87
N VAL B 120 -4.20 -7.74 7.29
CA VAL B 120 -5.37 -8.05 6.45
C VAL B 120 -6.08 -6.76 5.98
N GLN B 121 -6.31 -6.66 4.68
CA GLN B 121 -7.00 -5.52 4.07
C GLN B 121 -8.30 -5.95 3.38
N LYS B 122 -9.33 -5.13 3.51
CA LYS B 122 -10.34 -5.00 2.46
C LYS B 122 -10.32 -3.64 1.77
N VAL B 123 -10.68 -3.64 0.49
CA VAL B 123 -11.14 -2.42 -0.21
C VAL B 123 -12.37 -1.79 0.45
N ASN B 124 -12.68 -0.56 0.06
CA ASN B 124 -13.66 0.26 0.77
C ASN B 124 -14.45 1.21 -0.16
N ASN B 125 -15.66 0.80 -0.51
CA ASN B 125 -16.40 1.42 -1.62
C ASN B 125 -17.31 2.56 -1.16
N GLU B 126 -18.10 2.32 -0.12
CA GLU B 126 -18.86 3.37 0.57
C GLU B 126 -17.94 4.31 1.34
N GLY B 127 -18.39 5.55 1.54
CA GLY B 127 -17.54 6.71 1.39
C GLY B 127 -17.86 7.50 0.14
N GLU B 128 -17.92 8.82 0.27
CA GLU B 128 -17.88 9.73 -0.87
C GLU B 128 -16.50 9.73 -1.53
N GLY B 129 -15.45 9.49 -0.75
CA GLY B 129 -14.09 9.92 -1.09
C GLY B 129 -13.35 8.91 -1.95
N ASP B 130 -12.02 8.97 -1.86
CA ASP B 130 -11.15 7.96 -2.47
C ASP B 130 -11.37 6.58 -1.83
N PRO B 131 -11.35 5.51 -2.66
CA PRO B 131 -11.13 4.14 -2.19
C PRO B 131 -9.84 3.98 -1.39
N PHE B 132 -9.92 3.23 -0.30
CA PHE B 132 -8.75 2.90 0.52
C PHE B 132 -8.78 1.45 0.98
N TYR B 133 -7.60 0.89 1.22
CA TYR B 133 -7.47 -0.40 1.89
C TYR B 133 -7.62 -0.25 3.39
N GLU B 134 -8.53 -1.02 3.97
CA GLU B 134 -8.90 -0.91 5.38
C GLU B 134 -8.36 -2.09 6.18
N VAL B 135 -7.63 -1.78 7.23
CA VAL B 135 -6.88 -2.77 8.00
C VAL B 135 -7.81 -3.48 8.97
N LEU B 136 -7.84 -4.81 8.91
CA LEU B 136 -8.80 -5.61 9.68
C LEU B 136 -8.14 -6.33 10.85
N GLY B 137 -6.94 -6.88 10.61
CA GLY B 137 -6.09 -7.38 11.68
C GLY B 137 -5.00 -8.29 11.14
N LEU B 138 -4.70 -9.36 11.89
CA LEU B 138 -3.60 -10.26 11.55
C LEU B 138 -4.09 -11.67 11.18
N VAL B 139 -3.40 -12.29 10.25
CA VAL B 139 -3.48 -13.73 10.06
C VAL B 139 -2.11 -14.38 10.04
N THR B 140 -1.98 -15.50 10.75
CA THR B 140 -0.74 -16.26 10.79
C THR B 140 -0.93 -17.69 10.27
N LEU B 141 0.17 -18.42 10.14
CA LEU B 141 0.14 -19.85 9.85
C LEU B 141 -0.67 -20.64 10.88
N GLU B 142 -0.45 -20.34 12.16
CA GLU B 142 -1.17 -21.00 13.26
C GLU B 142 -2.68 -20.77 13.19
N ASP B 143 -3.09 -19.65 12.61
CA ASP B 143 -4.51 -19.39 12.32
C ASP B 143 -5.08 -20.40 11.34
N VAL B 144 -4.36 -20.63 10.25
CA VAL B 144 -4.81 -21.52 9.17
C VAL B 144 -4.86 -22.98 9.65
N ILE B 145 -3.83 -23.40 10.38
CA ILE B 145 -3.82 -24.69 11.08
C ILE B 145 -5.09 -24.95 11.89
N GLU B 146 -5.50 -23.97 12.70
CA GLU B 146 -6.59 -24.15 13.66
C GLU B 146 -7.91 -24.48 12.97
N GLU B 147 -8.04 -24.09 11.71
CA GLU B 147 -9.13 -24.56 10.85
C GLU B 147 -9.15 -26.08 10.68
N ILE B 148 -7.99 -26.66 10.39
CA ILE B 148 -7.85 -28.11 10.23
C ILE B 148 -8.09 -28.83 11.56
N ILE B 149 -7.30 -28.47 12.58
CA ILE B 149 -7.20 -29.27 13.80
C ILE B 149 -8.36 -29.01 14.77
N ARG B 150 -9.15 -27.97 14.49
CA ARG B 150 -10.57 -27.98 14.82
C ARG B 150 -11.43 -27.77 13.58
PB ADP C . 3.19 -15.97 17.88
O1B ADP C . 2.04 -16.24 18.81
O2B ADP C . 3.47 -14.50 17.64
O3B ADP C . 4.42 -16.80 18.16
PA ADP C . 1.65 -17.69 16.28
O1A ADP C . 1.69 -18.11 14.83
O2A ADP C . 1.93 -18.71 17.36
O3A ADP C . 2.70 -16.47 16.44
O5' ADP C . 0.24 -16.97 16.58
C5' ADP C . -0.91 -17.69 17.05
C4' ADP C . -2.09 -16.76 17.27
O4' ADP C . -1.66 -15.53 17.86
C3' ADP C . -2.81 -16.41 15.98
O3' ADP C . -4.22 -16.49 16.17
C2' ADP C . -2.42 -14.97 15.69
O2' ADP C . -3.48 -14.23 15.09
C1' ADP C . -2.09 -14.42 17.07
N9 ADP C . -1.02 -13.38 17.01
C8 ADP C . 0.21 -13.49 16.48
N7 ADP C . 0.91 -12.33 16.63
C5 ADP C . 0.12 -11.46 17.28
C6 ADP C . 0.22 -10.06 17.77
N6 ADP C . 1.35 -9.32 17.59
N1 ADP C . -0.85 -9.54 18.41
C2 ADP C . -1.99 -10.25 18.59
N3 ADP C . -2.16 -11.52 18.18
C4 ADP C . -1.16 -12.17 17.53
#